data_5L8U
#
_entry.id   5L8U
#
_cell.length_a   81.312
_cell.length_b   96.813
_cell.length_c   57.716
_cell.angle_alpha   90.000
_cell.angle_beta   90.000
_cell.angle_gamma   90.000
#
_symmetry.space_group_name_H-M   'C 2 2 21'
#
loop_
_entity.id
_entity.type
_entity.pdbx_description
1 polymer 'Bromodomain adjacent to zinc finger domain protein 2B'
2 non-polymer ~{N}-[(1~{S})-1-(3,4-dihydro-2~{H}-1,5-benzodioxepin-7-yl)ethyl]-2-methyl-pyridin-3-amine
3 non-polymer 'TRIETHYLENE GLYCOL'
4 water water
#
_entity_poly.entity_id   1
_entity_poly.type   'polypeptide(L)'
_entity_poly.pdbx_seq_one_letter_code
;SMSVKKPKRDDSKDLALCSMILTEMETHEDAWPFLLPVNLKLVPGYKKVIKKPMDFSTIREKLSSGQYPNLETFALDVRL
VFDNCETFNEDDSDIGRAGHNMRKYFEKKWTDTFKV
;
_entity_poly.pdbx_strand_id   A
#
loop_
_chem_comp.id
_chem_comp.type
_chem_comp.name
_chem_comp.formula
6RS non-polymer ~{N}-[(1~{S})-1-(3,4-dihydro-2~{H}-1,5-benzodioxepin-7-yl)ethyl]-2-methyl-pyridin-3-amine 'C17 H20 N2 O2'
PGE non-polymer 'TRIETHYLENE GLYCOL' 'C6 H14 O4'
#
# COMPACT_ATOMS: atom_id res chain seq x y z
N SER A 1 -22.42 21.52 5.40
CA SER A 1 -22.52 21.90 6.81
C SER A 1 -23.80 21.32 7.40
N MET A 2 -24.19 21.79 8.58
CA MET A 2 -25.38 21.25 9.25
C MET A 2 -26.62 21.31 8.36
N SER A 3 -27.17 20.13 8.08
CA SER A 3 -28.35 19.96 7.21
C SER A 3 -28.11 20.38 5.75
N VAL A 4 -26.86 20.51 5.36
CA VAL A 4 -26.51 20.76 3.95
C VAL A 4 -25.62 19.63 3.49
N LYS A 5 -26.24 18.64 2.88
CA LYS A 5 -25.56 17.39 2.55
C LYS A 5 -24.95 17.45 1.16
N LYS A 6 -23.66 17.14 1.09
CA LYS A 6 -22.95 17.02 -0.17
C LYS A 6 -23.26 15.65 -0.76
N PRO A 7 -23.57 15.61 -2.06
CA PRO A 7 -23.72 14.31 -2.74
C PRO A 7 -22.45 13.51 -2.58
N LYS A 8 -22.57 12.20 -2.38
CA LYS A 8 -21.39 11.37 -2.19
C LYS A 8 -21.36 10.21 -3.18
N ARG A 9 -20.16 9.80 -3.57
CA ARG A 9 -20.01 8.65 -4.44
C ARG A 9 -20.50 7.40 -3.74
N ASP A 10 -20.99 6.44 -4.52
CA ASP A 10 -21.35 5.13 -4.01
C ASP A 10 -20.09 4.41 -3.55
N ASP A 11 -19.97 4.18 -2.26
CA ASP A 11 -18.78 3.55 -1.70
C ASP A 11 -19.01 2.07 -1.35
N SER A 12 -20.15 1.52 -1.77
CA SER A 12 -20.55 0.18 -1.32
C SER A 12 -19.67 -0.94 -1.86
N LYS A 13 -18.95 -0.67 -2.95
CA LYS A 13 -18.10 -1.70 -3.56
C LYS A 13 -16.63 -1.53 -3.20
N ASP A 14 -16.31 -0.50 -2.42
CA ASP A 14 -14.90 -0.14 -2.18
C ASP A 14 -14.09 -1.27 -1.55
N LEU A 15 -14.66 -1.95 -0.56
CA LEU A 15 -13.96 -3.03 0.13
C LEU A 15 -13.57 -4.15 -0.84
N ALA A 16 -14.52 -4.57 -1.65
CA ALA A 16 -14.29 -5.60 -2.66
C ALA A 16 -13.25 -5.16 -3.69
N LEU A 17 -13.31 -3.89 -4.11
CA LEU A 17 -12.39 -3.36 -5.11
C LEU A 17 -10.98 -3.23 -4.54
N CYS A 18 -10.85 -2.79 -3.30
CA CYS A 18 -9.53 -2.69 -2.67
C CYS A 18 -8.91 -4.06 -2.47
N SER A 19 -9.75 -5.04 -2.11
CA SER A 19 -9.27 -6.41 -1.97
C SER A 19 -8.76 -6.95 -3.32
N MET A 20 -9.48 -6.66 -4.40
CA MET A 20 -9.07 -7.07 -5.75
C MET A 20 -7.73 -6.43 -6.14
N ILE A 21 -7.60 -5.14 -5.89
CA ILE A 21 -6.35 -4.42 -6.17
C ILE A 21 -5.22 -5.01 -5.34
N LEU A 22 -5.47 -5.27 -4.06
CA LEU A 22 -4.44 -5.83 -3.21
C LEU A 22 -4.02 -7.22 -3.68
N THR A 23 -4.98 -8.02 -4.15
CA THR A 23 -4.66 -9.34 -4.69
C THR A 23 -3.73 -9.23 -5.89
N GLU A 24 -4.01 -8.28 -6.78
CA GLU A 24 -3.14 -8.07 -7.93
C GLU A 24 -1.74 -7.64 -7.48
N MET A 25 -1.67 -6.83 -6.44
CA MET A 25 -0.37 -6.45 -5.86
C MET A 25 0.37 -7.66 -5.34
N GLU A 26 -0.35 -8.50 -4.58
CA GLU A 26 0.25 -9.66 -3.92
C GLU A 26 0.78 -10.67 -4.93
N THR A 27 0.21 -10.70 -6.12
CA THR A 27 0.57 -11.73 -7.09
C THR A 27 1.54 -11.22 -8.15
N HIS A 28 1.87 -9.93 -8.08
CA HIS A 28 2.87 -9.33 -8.95
C HIS A 28 4.24 -9.97 -8.73
N GLU A 29 4.96 -10.21 -9.81
CA GLU A 29 6.29 -10.82 -9.75
C GLU A 29 7.22 -10.09 -8.80
N ASP A 30 7.09 -8.76 -8.75
CA ASP A 30 8.01 -7.94 -7.96
C ASP A 30 7.47 -7.65 -6.56
N ALA A 31 6.48 -8.41 -6.10
CA ALA A 31 5.91 -8.17 -4.77
C ALA A 31 6.73 -8.74 -3.62
N TRP A 32 7.69 -9.61 -3.93
CA TRP A 32 8.42 -10.35 -2.89
C TRP A 32 9.07 -9.52 -1.76
N PRO A 33 9.55 -8.28 -2.06
CA PRO A 33 10.12 -7.58 -0.89
C PRO A 33 9.07 -7.07 0.10
N PHE A 34 7.79 -7.13 -0.30
CA PHE A 34 6.72 -6.44 0.43
C PHE A 34 5.64 -7.36 0.97
N LEU A 35 5.82 -8.67 0.83
CA LEU A 35 4.76 -9.59 1.19
C LEU A 35 4.64 -9.80 2.70
N LEU A 36 5.75 -9.66 3.41
CA LEU A 36 5.79 -9.82 4.88
C LEU A 36 6.46 -8.63 5.55
N PRO A 37 6.23 -8.44 6.86
CA PRO A 37 6.94 -7.36 7.55
C PRO A 37 8.45 -7.53 7.46
N VAL A 38 9.16 -6.42 7.31
CA VAL A 38 10.62 -6.45 7.46
C VAL A 38 10.96 -6.91 8.86
N ASN A 39 11.88 -7.86 8.97
CA ASN A 39 12.26 -8.40 10.28
C ASN A 39 13.12 -7.42 11.05
N LEU A 40 12.52 -6.78 12.05
CA LEU A 40 13.19 -5.72 12.79
C LEU A 40 14.38 -6.22 13.59
N LYS A 41 14.46 -7.54 13.79
CA LYS A 41 15.55 -8.11 14.57
C LYS A 41 16.73 -8.52 13.70
N LEU A 42 16.50 -8.66 12.41
CA LEU A 42 17.54 -9.16 11.51
C LEU A 42 18.07 -8.09 10.57
N VAL A 43 17.28 -7.04 10.34
CA VAL A 43 17.68 -6.00 9.40
C VAL A 43 18.14 -4.76 10.14
N PRO A 44 19.46 -4.54 10.18
CA PRO A 44 20.06 -3.42 10.92
C PRO A 44 19.46 -2.09 10.51
N GLY A 45 19.23 -1.21 11.47
CA GLY A 45 18.78 0.13 11.18
C GLY A 45 17.30 0.32 10.89
N TYR A 46 16.60 -0.73 10.49
CA TYR A 46 15.23 -0.56 10.00
C TYR A 46 14.29 -0.02 11.09
N LYS A 47 14.34 -0.61 12.28
CA LYS A 47 13.44 -0.20 13.36
C LYS A 47 13.65 1.27 13.75
N LYS A 48 14.89 1.73 13.72
CA LYS A 48 15.19 3.10 14.13
C LYS A 48 14.86 4.11 13.04
N VAL A 49 15.11 3.76 11.79
CA VAL A 49 14.96 4.69 10.69
C VAL A 49 13.51 4.78 10.20
N ILE A 50 12.82 3.64 10.15
CA ILE A 50 11.49 3.59 9.55
C ILE A 50 10.43 3.62 10.64
N LYS A 51 9.82 4.79 10.84
CA LYS A 51 8.95 5.02 11.98
C LYS A 51 7.63 4.26 11.91
N LYS A 52 7.13 4.03 10.71
CA LYS A 52 5.89 3.27 10.54
C LYS A 52 6.03 2.22 9.45
N PRO A 53 6.54 1.04 9.82
CA PRO A 53 6.68 -0.06 8.87
C PRO A 53 5.31 -0.50 8.35
N MET A 54 5.28 -0.93 7.09
CA MET A 54 4.03 -1.44 6.52
C MET A 54 4.38 -2.43 5.41
N ASP A 55 3.49 -3.40 5.18
CA ASP A 55 3.72 -4.44 4.20
C ASP A 55 2.37 -4.99 3.74
N PHE A 56 2.36 -5.78 2.68
CA PHE A 56 1.09 -6.22 2.10
C PHE A 56 0.30 -7.13 3.04
N SER A 57 0.98 -7.96 3.81
CA SER A 57 0.26 -8.91 4.67
C SER A 57 -0.46 -8.16 5.80
N THR A 58 0.17 -7.10 6.28
CA THR A 58 -0.42 -6.26 7.33
C THR A 58 -1.63 -5.49 6.77
N ILE A 59 -1.48 -4.96 5.56
CA ILE A 59 -2.59 -4.30 4.87
C ILE A 59 -3.75 -5.27 4.66
N ARG A 60 -3.44 -6.50 4.26
CA ARG A 60 -4.46 -7.53 4.03
C ARG A 60 -5.21 -7.84 5.33
N GLU A 61 -4.46 -7.96 6.42
CA GLU A 61 -5.09 -8.22 7.72
C GLU A 61 -6.00 -7.08 8.16
N LYS A 62 -5.53 -5.84 7.99
CA LYS A 62 -6.33 -4.66 8.32
C LYS A 62 -7.58 -4.54 7.43
N LEU A 63 -7.43 -4.82 6.13
CA LEU A 63 -8.58 -4.80 5.23
C LEU A 63 -9.64 -5.85 5.63
N SER A 64 -9.16 -7.03 6.03
CA SER A 64 -10.01 -8.14 6.42
C SER A 64 -10.68 -7.97 7.77
N SER A 65 -10.25 -6.99 8.57
CA SER A 65 -10.76 -6.86 9.94
C SER A 65 -11.35 -5.47 10.19
N GLY A 66 -11.72 -4.78 9.10
CA GLY A 66 -12.44 -3.52 9.25
C GLY A 66 -11.62 -2.37 9.82
N GLN A 67 -10.31 -2.39 9.60
CA GLN A 67 -9.44 -1.36 10.16
C GLN A 67 -9.17 -0.18 9.22
N TYR A 68 -9.75 -0.21 8.01
CA TYR A 68 -9.71 0.96 7.13
C TYR A 68 -11.08 1.60 7.07
N PRO A 69 -11.20 2.84 7.58
CA PRO A 69 -12.48 3.55 7.58
C PRO A 69 -12.98 3.84 6.18
N ASN A 70 -12.06 4.05 5.25
CA ASN A 70 -12.40 4.44 3.88
C ASN A 70 -11.28 4.09 2.90
N LEU A 71 -11.54 4.24 1.60
CA LEU A 71 -10.53 3.82 0.63
C LEU A 71 -9.27 4.70 0.69
N GLU A 72 -9.39 5.94 1.14
CA GLU A 72 -8.21 6.79 1.20
C GLU A 72 -7.21 6.32 2.26
N THR A 73 -7.69 5.76 3.38
CA THR A 73 -6.76 5.27 4.40
C THR A 73 -6.06 3.99 3.93
N PHE A 74 -6.74 3.21 3.11
CA PHE A 74 -6.13 2.05 2.45
C PHE A 74 -4.99 2.51 1.54
N ALA A 75 -5.25 3.50 0.70
CA ALA A 75 -4.22 3.99 -0.22
C ALA A 75 -3.01 4.58 0.53
N LEU A 76 -3.25 5.22 1.66
CA LEU A 76 -2.15 5.74 2.48
C LEU A 76 -1.19 4.63 2.91
N ASP A 77 -1.75 3.51 3.36
CA ASP A 77 -0.92 2.39 3.82
C ASP A 77 -0.15 1.77 2.65
N VAL A 78 -0.81 1.62 1.50
CA VAL A 78 -0.11 1.08 0.33
C VAL A 78 1.07 2.00 -0.04
N ARG A 79 0.82 3.31 -0.10
CA ARG A 79 1.88 4.25 -0.48
C ARG A 79 3.00 4.28 0.56
N LEU A 80 2.62 4.07 1.82
CA LEU A 80 3.60 4.02 2.91
C LEU A 80 4.61 2.88 2.69
N VAL A 81 4.14 1.75 2.16
CA VAL A 81 5.05 0.65 1.82
C VAL A 81 6.16 1.12 0.87
N PHE A 82 5.79 1.87 -0.16
CA PHE A 82 6.75 2.29 -1.18
C PHE A 82 7.56 3.50 -0.73
N ASP A 83 6.97 4.32 0.13
CA ASP A 83 7.71 5.44 0.71
C ASP A 83 8.81 4.90 1.63
N ASN A 84 8.47 3.90 2.43
CA ASN A 84 9.49 3.27 3.30
C ASN A 84 10.61 2.67 2.47
N CYS A 85 10.21 1.99 1.40
CA CYS A 85 11.15 1.32 0.50
C CYS A 85 12.16 2.33 -0.07
N GLU A 86 11.67 3.48 -0.51
CA GLU A 86 12.56 4.52 -1.04
C GLU A 86 13.51 5.08 0.01
N THR A 87 13.02 5.17 1.25
CA THR A 87 13.84 5.69 2.34
C THR A 87 15.02 4.78 2.62
N PHE A 88 14.81 3.46 2.54
CA PHE A 88 15.81 2.51 3.02
C PHE A 88 16.63 1.89 1.91
N ASN A 89 16.13 1.97 0.68
CA ASN A 89 16.78 1.31 -0.46
C ASN A 89 17.23 2.24 -1.56
N GLU A 90 18.42 2.01 -2.09
CA GLU A 90 18.89 2.75 -3.25
CA GLU A 90 18.89 2.75 -3.25
C GLU A 90 17.99 2.47 -4.45
N ASP A 91 17.76 3.50 -5.28
CA ASP A 91 16.91 3.37 -6.46
C ASP A 91 17.45 2.28 -7.38
N ASP A 92 18.77 2.23 -7.49
CA ASP A 92 19.47 1.25 -8.32
CA ASP A 92 19.37 1.22 -8.34
C ASP A 92 19.85 0.04 -7.49
N SER A 93 18.85 -0.66 -6.96
CA SER A 93 19.00 -1.91 -6.24
C SER A 93 17.77 -2.73 -6.59
N ASP A 94 17.81 -4.05 -6.42
CA ASP A 94 16.67 -4.90 -6.76
C ASP A 94 15.41 -4.51 -6.00
N ILE A 95 15.54 -4.31 -4.69
CA ILE A 95 14.39 -3.94 -3.87
C ILE A 95 13.90 -2.53 -4.22
N GLY A 96 14.85 -1.62 -4.43
CA GLY A 96 14.53 -0.25 -4.79
C GLY A 96 13.75 -0.15 -6.09
N ARG A 97 14.20 -0.85 -7.12
CA ARG A 97 13.49 -0.85 -8.39
C ARG A 97 12.13 -1.53 -8.26
N ALA A 98 12.08 -2.65 -7.54
CA ALA A 98 10.80 -3.30 -7.23
C ALA A 98 9.76 -2.35 -6.65
N GLY A 99 10.18 -1.53 -5.69
CA GLY A 99 9.30 -0.55 -5.10
C GLY A 99 8.75 0.46 -6.11
N HIS A 100 9.62 1.04 -6.91
CA HIS A 100 9.19 1.97 -7.95
C HIS A 100 8.20 1.29 -8.91
N ASN A 101 8.50 0.04 -9.27
CA ASN A 101 7.64 -0.69 -10.19
C ASN A 101 6.26 -0.91 -9.57
N MET A 102 6.22 -1.33 -8.31
CA MET A 102 4.95 -1.63 -7.65
C MET A 102 4.14 -0.36 -7.38
N ARG A 103 4.82 0.74 -7.08
CA ARG A 103 4.11 2.01 -6.91
C ARG A 103 3.37 2.38 -8.21
N LYS A 104 4.08 2.35 -9.33
CA LYS A 104 3.48 2.67 -10.61
C LYS A 104 2.29 1.76 -10.88
N TYR A 105 2.50 0.47 -10.64
CA TYR A 105 1.48 -0.53 -10.83
C TYR A 105 0.22 -0.22 -10.01
N PHE A 106 0.42 0.10 -8.73
CA PHE A 106 -0.68 0.46 -7.85
C PHE A 106 -1.43 1.69 -8.33
N GLU A 107 -0.71 2.76 -8.62
CA GLU A 107 -1.34 4.04 -8.91
C GLU A 107 -2.18 3.96 -10.17
N LYS A 108 -1.75 3.16 -11.16
CA LYS A 108 -2.58 3.02 -12.35
C LYS A 108 -3.86 2.27 -12.02
N LYS A 109 -3.75 1.19 -11.26
CA LYS A 109 -4.94 0.43 -10.87
C LYS A 109 -5.86 1.29 -10.05
N TRP A 110 -5.29 2.14 -9.21
CA TRP A 110 -6.06 3.04 -8.37
C TRP A 110 -6.83 4.06 -9.20
N THR A 111 -6.15 4.67 -10.17
CA THR A 111 -6.80 5.61 -11.07
C THR A 111 -7.87 4.92 -11.90
N ASP A 112 -7.55 3.76 -12.44
CA ASP A 112 -8.46 3.09 -13.35
C ASP A 112 -9.71 2.55 -12.64
N THR A 113 -9.56 2.22 -11.37
CA THR A 113 -10.66 1.63 -10.61
C THR A 113 -11.61 2.69 -10.04
N PHE A 114 -11.05 3.81 -9.58
CA PHE A 114 -11.85 4.76 -8.80
C PHE A 114 -12.02 6.14 -9.41
N LYS A 115 -11.12 6.53 -10.31
CA LYS A 115 -11.28 7.80 -11.02
C LYS A 115 -12.17 7.58 -12.24
N VAL A 116 -13.43 8.03 -12.14
CA VAL A 116 -14.52 7.70 -13.07
C VAL A 116 -14.37 6.31 -13.69
C17 6RS B . 16.83 -12.79 2.37
C14 6RS B . 15.91 -10.03 1.61
C13 6RS B . 15.59 -10.13 3.00
C20 6RS B . 15.16 -9.17 0.78
C18 6RS B . 16.15 -12.36 3.65
O15 6RS B . 16.98 -10.79 1.00
C01 6RS B . 11.33 -8.47 3.20
C02 6RS B . 12.61 -7.63 3.21
N03 6RS B . 12.43 -6.50 2.43
C04 6RS B . 13.10 -5.26 2.77
C05 6RS B . 12.58 -4.00 2.37
C06 6RS B . 11.28 -3.96 1.52
N07 6RS B . 13.17 -2.83 2.67
C08 6RS B . 14.27 -2.80 3.37
C09 6RS B . 14.89 -4.04 3.84
C10 6RS B . 14.29 -5.26 3.55
C11 6RS B . 13.77 -8.48 2.64
C12 6RS B . 14.55 -9.36 3.51
C16 6RS B . 17.70 -11.69 1.84
O19 6RS B . 16.32 -10.98 3.89
C21 6RS B . 14.07 -8.40 1.32
O2 PGE C . 12.39 -14.47 -1.26
C3 PGE C . 13.05 -13.37 -0.65
C4 PGE C . 12.17 -12.80 0.45
O4 PGE C . 12.87 -13.82 4.75
C6 PGE C . 12.90 -13.85 3.33
C5 PGE C . 12.45 -12.51 2.78
O3 PGE C . 13.01 -12.35 1.49
C1 PGE D . 18.79 -6.22 1.66
O1 PGE D . 19.45 -4.97 1.49
C2 PGE D . 17.94 -6.16 2.90
O2 PGE D . 18.03 -7.40 3.58
C3 PGE D . 19.24 -7.56 4.31
C4 PGE D . 18.99 -8.45 5.51
O3 PGE D . 19.90 -8.11 6.55
#